data_2RQ2
#
_entry.id   2RQ2
#
_entity_poly.entity_id   1
_entity_poly.type   'polypeptide(L)'
_entity_poly.pdbx_seq_one_letter_code
;PAIYIGATVGPSVWAYLVALVGAAAVTAAN
;
_entity_poly.pdbx_strand_id   A
#
# COMPACT_ATOMS: atom_id res chain seq x y z
N PRO A 1 -19.60 -14.72 2.57
CA PRO A 1 -20.38 -14.10 1.45
C PRO A 1 -19.67 -12.87 0.92
N ALA A 2 -20.26 -12.18 -0.01
CA ALA A 2 -19.60 -10.95 -0.57
C ALA A 2 -20.58 -9.78 -0.56
N ILE A 3 -21.21 -9.53 0.56
CA ILE A 3 -22.18 -8.39 0.62
C ILE A 3 -21.58 -7.24 1.42
N TYR A 4 -21.40 -7.42 2.71
CA TYR A 4 -20.83 -6.34 3.55
C TYR A 4 -19.76 -6.90 4.47
N ILE A 5 -19.21 -8.00 4.10
CA ILE A 5 -18.16 -8.65 4.93
C ILE A 5 -16.78 -8.18 4.48
N GLY A 6 -16.72 -7.02 3.93
CA GLY A 6 -15.42 -6.47 3.46
C GLY A 6 -15.53 -4.95 3.31
N ALA A 7 -16.11 -4.29 4.29
CA ALA A 7 -16.25 -2.81 4.20
C ALA A 7 -15.00 -2.12 4.76
N THR A 8 -13.90 -2.82 4.80
CA THR A 8 -12.65 -2.20 5.33
C THR A 8 -11.61 -2.07 4.21
N VAL A 9 -10.47 -1.51 4.52
CA VAL A 9 -9.42 -1.36 3.46
C VAL A 9 -8.03 -1.62 4.07
N GLY A 10 -7.78 -1.08 5.23
CA GLY A 10 -6.44 -1.30 5.87
C GLY A 10 -5.54 -0.10 5.57
N PRO A 11 -5.45 0.77 6.54
CA PRO A 11 -4.60 1.99 6.39
C PRO A 11 -3.12 1.62 6.47
N SER A 12 -2.76 0.80 7.42
CA SER A 12 -1.32 0.40 7.56
C SER A 12 -0.87 -0.40 6.33
N VAL A 13 -1.34 -1.60 6.19
CA VAL A 13 -0.94 -2.43 5.01
C VAL A 13 -0.95 -1.58 3.74
N TRP A 14 -1.82 -0.61 3.69
CA TRP A 14 -1.88 0.27 2.48
C TRP A 14 -0.58 1.05 2.32
N ALA A 15 -0.20 1.81 3.33
CA ALA A 15 1.06 2.59 3.23
C ALA A 15 2.22 1.65 2.90
N TYR A 16 2.14 0.41 3.28
CA TYR A 16 3.24 -0.54 2.98
C TYR A 16 3.26 -0.83 1.47
N LEU A 17 2.13 -1.11 0.89
CA LEU A 17 2.10 -1.39 -0.57
C LEU A 17 2.48 -0.13 -1.36
N VAL A 18 2.35 1.01 -0.75
CA VAL A 18 2.71 2.28 -1.45
C VAL A 18 4.23 2.46 -1.45
N ALA A 19 4.84 2.36 -0.30
CA ALA A 19 6.32 2.53 -0.22
C ALA A 19 7.01 1.50 -1.11
N LEU A 20 6.53 0.29 -1.12
CA LEU A 20 7.16 -0.76 -1.97
C LEU A 20 6.99 -0.43 -3.46
N VAL A 21 5.78 -0.19 -3.88
CA VAL A 21 5.54 0.14 -5.31
C VAL A 21 6.30 1.41 -5.70
N GLY A 22 6.64 2.23 -4.74
CA GLY A 22 7.37 3.48 -5.05
C GLY A 22 8.80 3.16 -5.44
N ALA A 23 9.50 2.43 -4.62
CA ALA A 23 10.92 2.08 -4.94
C ALA A 23 10.99 1.43 -6.32
N ALA A 24 10.05 0.58 -6.64
CA ALA A 24 10.07 -0.09 -7.97
C ALA A 24 9.77 0.92 -9.07
N ALA A 25 8.94 1.89 -8.80
CA ALA A 25 8.61 2.91 -9.84
C ALA A 25 9.78 3.87 -10.03
N VAL A 26 10.69 3.90 -9.10
CA VAL A 26 11.86 4.81 -9.22
C VAL A 26 13.08 4.05 -9.76
N THR A 27 13.02 2.74 -9.73
CA THR A 27 14.17 1.93 -10.23
C THR A 27 13.95 1.56 -11.70
N ALA A 28 12.71 1.50 -12.12
CA ALA A 28 12.44 1.14 -13.54
C ALA A 28 12.66 2.36 -14.45
N ALA A 29 12.57 3.54 -13.90
CA ALA A 29 12.79 4.76 -14.74
C ALA A 29 14.28 4.94 -15.04
N ASN A 30 14.67 4.78 -16.27
CA ASN A 30 16.12 4.94 -16.62
C ASN A 30 16.68 6.21 -15.98
N PRO A 1 -21.13 -8.73 19.40
CA PRO A 1 -21.14 -9.50 18.11
C PRO A 1 -19.92 -9.13 17.25
N ALA A 2 -19.32 -10.09 16.61
CA ALA A 2 -18.13 -9.80 15.77
C ALA A 2 -18.57 -9.44 14.35
N ILE A 3 -19.32 -8.38 14.20
CA ILE A 3 -19.78 -7.97 12.84
C ILE A 3 -18.96 -6.80 12.31
N TYR A 4 -18.92 -5.71 13.04
CA TYR A 4 -18.15 -4.52 12.57
C TYR A 4 -16.73 -4.57 13.14
N ILE A 5 -16.31 -5.74 13.47
CA ILE A 5 -14.93 -5.90 14.04
C ILE A 5 -14.01 -6.57 13.03
N GLY A 6 -14.32 -6.38 11.78
CA GLY A 6 -13.49 -7.00 10.71
C GLY A 6 -13.92 -6.44 9.35
N ALA A 7 -14.16 -5.17 9.26
CA ALA A 7 -14.59 -4.57 7.98
C ALA A 7 -13.92 -3.20 7.77
N THR A 8 -12.78 -3.01 8.36
CA THR A 8 -12.07 -1.70 8.21
C THR A 8 -11.62 -1.51 6.76
N VAL A 9 -10.78 -0.54 6.53
CA VAL A 9 -10.29 -0.30 5.13
C VAL A 9 -8.87 -0.85 4.97
N GLY A 10 -7.93 -0.31 5.69
CA GLY A 10 -6.53 -0.82 5.57
C GLY A 10 -5.58 0.36 5.41
N PRO A 11 -5.36 1.06 6.50
CA PRO A 11 -4.46 2.24 6.48
C PRO A 11 -2.99 1.79 6.43
N SER A 12 -2.55 1.03 7.39
CA SER A 12 -1.13 0.57 7.38
C SER A 12 -0.86 -0.32 6.16
N VAL A 13 -1.71 -1.29 5.92
CA VAL A 13 -1.50 -2.17 4.74
C VAL A 13 -1.32 -1.34 3.47
N TRP A 14 -2.11 -0.31 3.31
CA TRP A 14 -1.98 0.55 2.10
C TRP A 14 -0.64 1.29 2.12
N ALA A 15 -0.16 1.64 3.29
CA ALA A 15 1.15 2.36 3.36
C ALA A 15 2.30 1.42 2.99
N TYR A 16 2.18 0.16 3.31
CA TYR A 16 3.27 -0.80 2.97
C TYR A 16 3.23 -1.15 1.48
N LEU A 17 2.07 -1.12 0.89
CA LEU A 17 1.96 -1.46 -0.56
C LEU A 17 2.44 -0.26 -1.39
N VAL A 18 2.29 0.93 -0.89
CA VAL A 18 2.74 2.12 -1.65
C VAL A 18 4.26 2.30 -1.49
N ALA A 19 4.76 2.19 -0.30
CA ALA A 19 6.23 2.34 -0.09
C ALA A 19 6.99 1.29 -0.90
N LEU A 20 6.58 0.05 -0.81
CA LEU A 20 7.29 -1.02 -1.57
C LEU A 20 7.18 -0.76 -3.08
N VAL A 21 5.99 -0.50 -3.56
CA VAL A 21 5.82 -0.24 -5.01
C VAL A 21 6.37 1.14 -5.38
N GLY A 22 6.73 1.93 -4.40
CA GLY A 22 7.26 3.29 -4.70
C GLY A 22 8.77 3.20 -4.94
N ALA A 23 9.44 2.30 -4.27
CA ALA A 23 10.92 2.18 -4.47
C ALA A 23 11.23 1.56 -5.83
N ALA A 24 10.43 0.63 -6.27
CA ALA A 24 10.68 -0.01 -7.60
C ALA A 24 10.11 0.86 -8.73
N ALA A 25 9.24 1.77 -8.40
CA ALA A 25 8.65 2.64 -9.46
C ALA A 25 9.59 3.81 -9.78
N VAL A 26 10.76 3.82 -9.19
CA VAL A 26 11.71 4.94 -9.47
C VAL A 26 12.77 4.49 -10.47
N THR A 27 12.90 3.20 -10.68
CA THR A 27 13.92 2.70 -11.64
C THR A 27 13.24 2.16 -12.89
N ALA A 28 11.98 1.82 -12.80
CA ALA A 28 11.26 1.28 -13.99
C ALA A 28 10.83 2.44 -14.92
N ALA A 29 10.64 3.60 -14.37
CA ALA A 29 10.23 4.75 -15.22
C ALA A 29 11.40 5.71 -15.43
N ASN A 30 12.34 5.34 -16.24
CA ASN A 30 13.51 6.22 -16.49
C ASN A 30 13.47 6.79 -17.90
N PRO A 1 -12.11 5.15 -10.71
CA PRO A 1 -12.98 5.45 -9.55
C PRO A 1 -12.14 5.93 -8.36
N ALA A 2 -12.78 6.23 -7.26
CA ALA A 2 -12.01 6.71 -6.06
C ALA A 2 -12.18 5.72 -4.90
N ILE A 3 -11.96 4.46 -5.15
CA ILE A 3 -12.10 3.45 -4.07
C ILE A 3 -10.74 3.13 -3.44
N TYR A 4 -9.75 2.90 -4.27
CA TYR A 4 -8.39 2.59 -3.71
C TYR A 4 -7.53 3.84 -3.70
N ILE A 5 -8.18 4.96 -3.70
CA ILE A 5 -7.44 6.25 -3.69
C ILE A 5 -7.36 6.79 -2.26
N GLY A 6 -7.39 5.90 -1.32
CA GLY A 6 -7.32 6.33 0.11
C GLY A 6 -8.64 5.98 0.81
N ALA A 7 -9.49 5.23 0.16
CA ALA A 7 -10.79 4.86 0.78
C ALA A 7 -10.79 3.38 1.16
N THR A 8 -9.63 2.82 1.39
CA THR A 8 -9.57 1.37 1.78
C THR A 8 -9.54 1.22 3.30
N VAL A 9 -9.94 0.09 3.80
CA VAL A 9 -9.94 -0.11 5.28
C VAL A 9 -8.51 -0.24 5.79
N GLY A 10 -7.90 -1.39 5.61
CA GLY A 10 -6.51 -1.60 6.08
C GLY A 10 -5.67 -0.35 5.79
N PRO A 11 -5.47 0.44 6.81
CA PRO A 11 -4.68 1.69 6.67
C PRO A 11 -3.19 1.37 6.59
N SER A 12 -2.68 0.62 7.53
CA SER A 12 -1.23 0.28 7.51
C SER A 12 -0.89 -0.52 6.25
N VAL A 13 -1.52 -1.63 6.05
CA VAL A 13 -1.24 -2.45 4.84
C VAL A 13 -1.20 -1.57 3.59
N TRP A 14 -2.02 -0.56 3.55
CA TRP A 14 -2.03 0.34 2.36
C TRP A 14 -0.72 1.14 2.29
N ALA A 15 -0.42 1.90 3.30
CA ALA A 15 0.83 2.70 3.28
C ALA A 15 2.04 1.80 3.04
N TYR A 16 1.93 0.54 3.35
CA TYR A 16 3.07 -0.39 3.13
C TYR A 16 3.17 -0.77 1.66
N LEU A 17 2.07 -1.03 1.02
CA LEU A 17 2.09 -1.41 -0.42
C LEU A 17 2.48 -0.19 -1.27
N VAL A 18 2.22 0.99 -0.77
CA VAL A 18 2.57 2.21 -1.55
C VAL A 18 4.03 2.59 -1.30
N ALA A 19 4.51 2.39 -0.10
CA ALA A 19 5.93 2.72 0.19
C ALA A 19 6.86 1.69 -0.46
N LEU A 20 6.36 0.52 -0.73
CA LEU A 20 7.20 -0.54 -1.37
C LEU A 20 7.15 -0.40 -2.89
N VAL A 21 5.98 -0.39 -3.46
CA VAL A 21 5.87 -0.27 -4.94
C VAL A 21 6.46 1.05 -5.41
N GLY A 22 6.65 1.99 -4.52
CA GLY A 22 7.22 3.30 -4.93
C GLY A 22 8.72 3.14 -5.21
N ALA A 23 9.36 2.21 -4.55
CA ALA A 23 10.82 2.01 -4.78
C ALA A 23 11.05 1.41 -6.18
N ALA A 24 10.05 0.81 -6.76
CA ALA A 24 10.22 0.21 -8.11
C ALA A 24 9.94 1.27 -9.18
N ALA A 25 9.28 2.34 -8.83
CA ALA A 25 9.00 3.40 -9.83
C ALA A 25 10.25 4.22 -10.13
N VAL A 26 11.34 3.90 -9.48
CA VAL A 26 12.60 4.66 -9.72
C VAL A 26 13.57 3.81 -10.56
N THR A 27 13.28 2.55 -10.73
CA THR A 27 14.19 1.68 -11.53
C THR A 27 13.61 1.46 -12.94
N ALA A 28 12.32 1.55 -13.08
CA ALA A 28 11.70 1.35 -14.42
C ALA A 28 11.57 2.69 -15.15
N ALA A 29 12.32 3.67 -14.74
CA ALA A 29 12.25 5.00 -15.40
C ALA A 29 13.50 5.25 -16.25
N ASN A 30 13.63 6.43 -16.79
CA ASN A 30 14.83 6.73 -17.63
C ASN A 30 14.84 8.20 -18.04
N PRO A 1 -21.71 12.21 16.75
CA PRO A 1 -21.67 10.73 16.89
C PRO A 1 -20.65 10.14 15.90
N ALA A 2 -20.66 8.84 15.74
CA ALA A 2 -19.70 8.21 14.78
C ALA A 2 -19.87 6.69 14.78
N ILE A 3 -20.98 6.21 14.31
CA ILE A 3 -21.20 4.73 14.29
C ILE A 3 -20.14 4.06 13.42
N TYR A 4 -20.38 3.94 12.14
CA TYR A 4 -19.37 3.29 11.25
C TYR A 4 -18.50 4.35 10.59
N ILE A 5 -18.43 5.48 11.21
CA ILE A 5 -17.61 6.59 10.67
C ILE A 5 -16.29 6.69 11.42
N GLY A 6 -15.84 5.60 11.94
CA GLY A 6 -14.57 5.59 12.70
C GLY A 6 -13.80 4.30 12.38
N ALA A 7 -13.39 4.14 11.16
CA ALA A 7 -12.64 2.91 10.78
C ALA A 7 -12.38 2.89 9.27
N THR A 8 -11.19 3.25 8.85
CA THR A 8 -10.88 3.25 7.39
C THR A 8 -10.84 1.81 6.87
N VAL A 9 -10.06 1.58 5.85
CA VAL A 9 -9.97 0.20 5.29
C VAL A 9 -8.61 -0.43 5.62
N GLY A 10 -7.56 0.35 5.53
CA GLY A 10 -6.21 -0.19 5.84
C GLY A 10 -5.16 0.89 5.61
N PRO A 11 -4.91 1.65 6.64
CA PRO A 11 -3.92 2.75 6.55
C PRO A 11 -2.50 2.20 6.54
N SER A 12 -2.16 1.37 7.48
CA SER A 12 -0.78 0.79 7.52
C SER A 12 -0.58 -0.19 6.36
N VAL A 13 -1.49 -1.10 6.17
CA VAL A 13 -1.35 -2.08 5.06
C VAL A 13 -1.27 -1.36 3.71
N TRP A 14 -2.12 -0.39 3.48
CA TRP A 14 -2.08 0.35 2.19
C TRP A 14 -0.75 1.09 2.05
N ALA A 15 -0.23 1.61 3.13
CA ALA A 15 1.05 2.35 3.07
C ALA A 15 2.21 1.37 2.79
N TYR A 16 2.02 0.13 3.11
CA TYR A 16 3.10 -0.88 2.86
C TYR A 16 3.12 -1.27 1.38
N LEU A 17 1.98 -1.35 0.76
CA LEU A 17 1.94 -1.73 -0.69
C LEU A 17 2.36 -0.53 -1.54
N VAL A 18 2.16 0.65 -1.03
CA VAL A 18 2.55 1.87 -1.80
C VAL A 18 4.05 2.14 -1.65
N ALA A 19 4.58 1.95 -0.47
CA ALA A 19 6.03 2.19 -0.26
C ALA A 19 6.86 1.09 -0.93
N LEU A 20 6.40 -0.13 -0.88
CA LEU A 20 7.16 -1.24 -1.53
C LEU A 20 7.06 -1.14 -3.06
N VAL A 21 5.90 -0.78 -3.56
CA VAL A 21 5.74 -0.67 -5.04
C VAL A 21 6.12 0.74 -5.50
N GLY A 22 6.41 1.62 -4.58
CA GLY A 22 6.79 3.01 -4.97
C GLY A 22 8.32 3.11 -5.08
N ALA A 23 9.03 2.20 -4.46
CA ALA A 23 10.52 2.24 -4.52
C ALA A 23 11.01 1.68 -5.86
N ALA A 24 10.27 0.78 -6.44
CA ALA A 24 10.69 0.20 -7.75
C ALA A 24 10.30 1.13 -8.89
N ALA A 25 9.36 2.00 -8.65
CA ALA A 25 8.92 2.94 -9.73
C ALA A 25 9.97 4.04 -9.93
N VAL A 26 10.86 4.20 -9.00
CA VAL A 26 11.90 5.25 -9.13
C VAL A 26 13.07 4.73 -9.98
N THR A 27 13.12 3.45 -10.19
CA THR A 27 14.24 2.86 -11.00
C THR A 27 13.68 2.29 -12.30
N ALA A 28 12.41 2.02 -12.35
CA ALA A 28 11.81 1.46 -13.59
C ALA A 28 11.51 2.57 -14.59
N ALA A 29 11.38 3.78 -14.12
CA ALA A 29 11.09 4.92 -15.05
C ALA A 29 12.40 5.50 -15.59
N ASN A 30 13.50 4.82 -15.40
CA ASN A 30 14.80 5.34 -15.90
C ASN A 30 14.77 5.45 -17.43
N PRO A 1 -20.32 -9.55 13.56
CA PRO A 1 -19.06 -10.34 13.72
C PRO A 1 -17.83 -9.44 13.56
N ALA A 2 -16.67 -9.93 13.88
CA ALA A 2 -15.44 -9.10 13.74
C ALA A 2 -14.24 -9.98 13.41
N ILE A 3 -14.46 -11.06 12.70
CA ILE A 3 -13.32 -11.96 12.36
C ILE A 3 -12.56 -11.40 11.15
N TYR A 4 -13.19 -11.40 9.99
CA TYR A 4 -12.50 -10.86 8.79
C TYR A 4 -13.26 -9.67 8.23
N ILE A 5 -14.03 -9.05 9.07
CA ILE A 5 -14.83 -7.88 8.65
C ILE A 5 -14.37 -6.62 9.38
N GLY A 6 -13.14 -6.61 9.78
CA GLY A 6 -12.60 -5.44 10.50
C GLY A 6 -11.21 -5.09 9.96
N ALA A 7 -10.83 -5.69 8.86
CA ALA A 7 -9.49 -5.40 8.27
C ALA A 7 -9.65 -4.77 6.90
N THR A 8 -10.72 -4.05 6.68
CA THR A 8 -10.94 -3.40 5.35
C THR A 8 -10.19 -2.07 5.29
N VAL A 9 -10.00 -1.55 4.11
CA VAL A 9 -9.27 -0.26 3.96
C VAL A 9 -8.03 -0.24 4.87
N GLY A 10 -7.43 -1.37 5.07
CA GLY A 10 -6.22 -1.44 5.93
C GLY A 10 -5.32 -0.23 5.67
N PRO A 11 -5.33 0.69 6.61
CA PRO A 11 -4.52 1.92 6.49
C PRO A 11 -3.03 1.60 6.62
N SER A 12 -2.69 0.74 7.54
CA SER A 12 -1.24 0.39 7.73
C SER A 12 -0.74 -0.42 6.52
N VAL A 13 -1.39 -1.51 6.22
CA VAL A 13 -0.96 -2.34 5.05
C VAL A 13 -0.94 -1.49 3.78
N TRP A 14 -1.79 -0.49 3.71
CA TRP A 14 -1.84 0.37 2.49
C TRP A 14 -0.51 1.12 2.34
N ALA A 15 0.03 1.63 3.41
CA ALA A 15 1.33 2.37 3.32
C ALA A 15 2.46 1.41 2.95
N TYR A 16 2.29 0.15 3.25
CA TYR A 16 3.36 -0.84 2.91
C TYR A 16 3.36 -1.12 1.40
N LEU A 17 2.20 -1.27 0.82
CA LEU A 17 2.13 -1.54 -0.65
C LEU A 17 2.43 -0.26 -1.43
N VAL A 18 2.13 0.87 -0.84
CA VAL A 18 2.39 2.16 -1.54
C VAL A 18 3.89 2.50 -1.48
N ALA A 19 4.53 2.18 -0.39
CA ALA A 19 5.99 2.47 -0.27
C ALA A 19 6.79 1.50 -1.15
N LEU A 20 6.32 0.29 -1.29
CA LEU A 20 7.06 -0.71 -2.12
C LEU A 20 6.97 -0.33 -3.60
N VAL A 21 5.79 -0.09 -4.09
CA VAL A 21 5.63 0.28 -5.52
C VAL A 21 6.32 1.63 -5.80
N GLY A 22 6.09 2.61 -4.97
CA GLY A 22 6.74 3.94 -5.18
C GLY A 22 8.25 3.76 -5.31
N ALA A 23 8.84 2.97 -4.45
CA ALA A 23 10.31 2.76 -4.52
C ALA A 23 10.66 1.85 -5.71
N ALA A 24 9.72 1.08 -6.17
CA ALA A 24 9.99 0.17 -7.32
C ALA A 24 9.85 0.94 -8.64
N ALA A 25 9.24 2.09 -8.60
CA ALA A 25 9.07 2.88 -9.85
C ALA A 25 10.34 3.66 -10.17
N VAL A 26 11.25 3.74 -9.24
CA VAL A 26 12.51 4.49 -9.50
C VAL A 26 13.57 3.55 -10.10
N THR A 27 13.34 2.27 -10.04
CA THR A 27 14.33 1.31 -10.62
C THR A 27 14.20 1.27 -12.14
N ALA A 28 13.09 1.72 -12.66
CA ALA A 28 12.90 1.71 -14.14
C ALA A 28 13.55 2.96 -14.76
N ALA A 29 13.70 4.01 -13.99
CA ALA A 29 14.33 5.25 -14.54
C ALA A 29 15.85 5.19 -14.36
N ASN A 30 16.56 5.96 -15.13
CA ASN A 30 18.05 5.97 -15.00
C ASN A 30 18.57 7.37 -14.68
N PRO A 1 -9.43 -14.50 -4.20
CA PRO A 1 -10.33 -14.42 -3.01
C PRO A 1 -10.43 -12.97 -2.52
N ALA A 2 -11.12 -12.75 -1.43
CA ALA A 2 -11.25 -11.36 -0.91
C ALA A 2 -11.56 -11.39 0.59
N ILE A 3 -10.85 -12.19 1.33
CA ILE A 3 -11.10 -12.27 2.80
C ILE A 3 -10.93 -10.88 3.44
N TYR A 4 -9.73 -10.54 3.82
CA TYR A 4 -9.50 -9.20 4.45
C TYR A 4 -8.83 -8.27 3.45
N ILE A 5 -9.00 -8.57 2.21
CA ILE A 5 -8.39 -7.73 1.14
C ILE A 5 -9.38 -6.67 0.68
N GLY A 6 -10.28 -6.31 1.54
CA GLY A 6 -11.29 -5.28 1.19
C GLY A 6 -12.16 -4.98 2.41
N ALA A 7 -11.55 -4.63 3.51
CA ALA A 7 -12.34 -4.32 4.73
C ALA A 7 -11.97 -2.94 5.27
N THR A 8 -11.63 -2.03 4.41
CA THR A 8 -11.25 -0.66 4.85
C THR A 8 -10.39 -0.73 6.13
N VAL A 9 -10.39 0.31 6.91
CA VAL A 9 -9.57 0.28 8.16
C VAL A 9 -8.17 -0.28 7.87
N GLY A 10 -7.69 -0.11 6.68
CA GLY A 10 -6.34 -0.62 6.33
C GLY A 10 -5.44 0.52 5.86
N PRO A 11 -5.25 1.46 6.75
CA PRO A 11 -4.40 2.63 6.43
C PRO A 11 -2.92 2.23 6.40
N SER A 12 -2.47 1.52 7.41
CA SER A 12 -1.04 1.10 7.45
C SER A 12 -0.76 0.09 6.32
N VAL A 13 -1.44 -1.03 6.32
CA VAL A 13 -1.20 -2.03 5.25
C VAL A 13 -1.11 -1.35 3.89
N TRP A 14 -2.03 -0.47 3.59
CA TRP A 14 -1.99 0.24 2.28
C TRP A 14 -0.64 0.95 2.12
N ALA A 15 -0.28 1.80 3.04
CA ALA A 15 1.02 2.52 2.93
C ALA A 15 2.16 1.52 2.74
N TYR A 16 1.98 0.30 3.18
CA TYR A 16 3.06 -0.71 3.02
C TYR A 16 3.16 -1.18 1.57
N LEU A 17 2.04 -1.33 0.91
CA LEU A 17 2.07 -1.79 -0.51
C LEU A 17 2.54 -0.63 -1.42
N VAL A 18 2.34 0.59 -0.98
CA VAL A 18 2.78 1.75 -1.81
C VAL A 18 4.24 2.07 -1.52
N ALA A 19 4.71 1.78 -0.33
CA ALA A 19 6.13 2.07 0.00
C ALA A 19 7.05 1.05 -0.67
N LEU A 20 6.62 -0.19 -0.75
CA LEU A 20 7.48 -1.22 -1.40
C LEU A 20 7.32 -1.18 -2.92
N VAL A 21 6.11 -0.97 -3.39
CA VAL A 21 5.90 -0.92 -4.87
C VAL A 21 6.30 0.46 -5.41
N GLY A 22 6.43 1.43 -4.55
CA GLY A 22 6.82 2.79 -5.01
C GLY A 22 8.30 2.79 -5.39
N ALA A 23 9.08 1.97 -4.76
CA ALA A 23 10.54 1.92 -5.08
C ALA A 23 10.75 1.45 -6.53
N ALA A 24 9.81 0.70 -7.05
CA ALA A 24 9.96 0.21 -8.45
C ALA A 24 9.89 1.39 -9.43
N ALA A 25 9.01 2.33 -9.17
CA ALA A 25 8.89 3.50 -10.09
C ALA A 25 10.09 4.44 -9.91
N VAL A 26 10.86 4.24 -8.87
CA VAL A 26 12.03 5.12 -8.65
C VAL A 26 13.24 4.63 -9.46
N THR A 27 13.20 3.40 -9.91
CA THR A 27 14.34 2.86 -10.70
C THR A 27 14.01 2.92 -12.20
N ALA A 28 12.79 3.25 -12.53
CA ALA A 28 12.41 3.33 -13.97
C ALA A 28 12.61 4.76 -14.48
N ALA A 29 12.47 5.74 -13.63
CA ALA A 29 12.65 7.15 -14.08
C ALA A 29 14.04 7.65 -13.64
N ASN A 30 14.74 6.89 -12.86
CA ASN A 30 16.08 7.33 -12.40
C ASN A 30 17.00 7.59 -13.60
N PRO A 1 -1.88 -6.80 9.52
CA PRO A 1 -2.75 -7.40 8.47
C PRO A 1 -4.22 -7.09 8.75
N ALA A 2 -5.08 -7.27 7.78
CA ALA A 2 -6.52 -6.97 8.00
C ALA A 2 -7.37 -7.69 6.95
N ILE A 3 -6.99 -8.88 6.57
CA ILE A 3 -7.79 -9.62 5.54
C ILE A 3 -9.14 -10.03 6.14
N TYR A 4 -9.13 -10.75 7.22
CA TYR A 4 -10.42 -11.19 7.85
C TYR A 4 -10.31 -11.12 9.36
N ILE A 5 -9.42 -10.31 9.82
CA ILE A 5 -9.21 -10.15 11.29
C ILE A 5 -10.01 -8.96 11.80
N GLY A 6 -11.05 -8.62 11.12
CA GLY A 6 -11.89 -7.47 11.54
C GLY A 6 -12.25 -6.64 10.30
N ALA A 7 -11.63 -6.91 9.19
CA ALA A 7 -11.94 -6.14 7.96
C ALA A 7 -12.01 -4.64 8.27
N THR A 8 -10.91 -3.97 8.21
CA THR A 8 -10.89 -2.51 8.50
C THR A 8 -10.35 -1.74 7.29
N VAL A 9 -10.12 -0.46 7.44
CA VAL A 9 -9.59 0.33 6.29
C VAL A 9 -8.15 -0.09 5.97
N GLY A 10 -7.53 -0.82 6.87
CA GLY A 10 -6.13 -1.26 6.62
C GLY A 10 -5.30 -0.08 6.12
N PRO A 11 -5.19 0.92 6.94
CA PRO A 11 -4.43 2.14 6.58
C PRO A 11 -2.92 1.83 6.59
N SER A 12 -2.44 1.20 7.63
CA SER A 12 -0.99 0.86 7.69
C SER A 12 -0.62 -0.06 6.52
N VAL A 13 -1.29 -1.17 6.39
CA VAL A 13 -0.96 -2.11 5.27
C VAL A 13 -1.03 -1.35 3.95
N TRP A 14 -1.96 -0.45 3.81
CA TRP A 14 -2.08 0.31 2.53
C TRP A 14 -0.78 1.07 2.26
N ALA A 15 -0.31 1.83 3.23
CA ALA A 15 0.96 2.58 3.02
C ALA A 15 2.12 1.61 2.83
N TYR A 16 1.95 0.39 3.25
CA TYR A 16 3.04 -0.61 3.11
C TYR A 16 3.13 -1.09 1.65
N LEU A 17 2.01 -1.28 1.03
CA LEU A 17 2.02 -1.74 -0.40
C LEU A 17 2.35 -0.56 -1.31
N VAL A 18 2.00 0.62 -0.91
CA VAL A 18 2.30 1.82 -1.75
C VAL A 18 3.79 2.18 -1.64
N ALA A 19 4.39 1.88 -0.53
CA ALA A 19 5.84 2.19 -0.37
C ALA A 19 6.69 1.16 -1.11
N LEU A 20 6.29 -0.09 -1.07
CA LEU A 20 7.08 -1.13 -1.78
C LEU A 20 6.97 -0.93 -3.29
N VAL A 21 5.82 -0.52 -3.75
CA VAL A 21 5.64 -0.30 -5.22
C VAL A 21 6.30 1.01 -5.65
N GLY A 22 6.26 2.01 -4.81
CA GLY A 22 6.87 3.31 -5.17
C GLY A 22 8.40 3.17 -5.18
N ALA A 23 8.90 2.09 -4.66
CA ALA A 23 10.38 1.89 -4.65
C ALA A 23 10.87 1.39 -6.00
N ALA A 24 10.04 0.69 -6.72
CA ALA A 24 10.46 0.17 -8.05
C ALA A 24 10.26 1.24 -9.13
N ALA A 25 9.39 2.19 -8.89
CA ALA A 25 9.16 3.27 -9.89
C ALA A 25 10.35 4.24 -9.91
N VAL A 26 11.32 4.02 -9.07
CA VAL A 26 12.50 4.93 -9.04
C VAL A 26 13.65 4.32 -9.83
N THR A 27 13.48 3.13 -10.34
CA THR A 27 14.58 2.48 -11.11
C THR A 27 14.23 2.46 -12.61
N ALA A 28 13.00 2.73 -12.94
CA ALA A 28 12.59 2.74 -14.38
C ALA A 28 12.96 4.06 -15.03
N ALA A 29 13.12 5.09 -14.25
CA ALA A 29 13.49 6.42 -14.84
C ALA A 29 14.99 6.64 -14.76
N ASN A 30 15.55 6.57 -13.58
CA ASN A 30 17.02 6.77 -13.43
C ASN A 30 17.78 5.71 -14.22
N PRO A 1 -12.75 -15.63 -3.21
CA PRO A 1 -11.42 -14.98 -3.03
C PRO A 1 -11.52 -13.80 -2.07
N ALA A 2 -10.58 -13.68 -1.17
CA ALA A 2 -10.63 -12.55 -0.19
C ALA A 2 -9.26 -12.35 0.45
N ILE A 3 -8.21 -12.48 -0.31
CA ILE A 3 -6.84 -12.31 0.26
C ILE A 3 -6.44 -10.84 0.25
N TYR A 4 -6.26 -10.27 -0.91
CA TYR A 4 -5.86 -8.84 -0.99
C TYR A 4 -7.01 -8.00 -1.56
N ILE A 5 -8.19 -8.46 -1.38
CA ILE A 5 -9.38 -7.74 -1.88
C ILE A 5 -9.92 -6.80 -0.81
N GLY A 6 -9.06 -6.37 0.06
CA GLY A 6 -9.47 -5.45 1.15
C GLY A 6 -8.40 -4.39 1.35
N ALA A 7 -8.12 -3.62 0.33
CA ALA A 7 -7.07 -2.57 0.46
C ALA A 7 -7.72 -1.18 0.50
N THR A 8 -8.95 -1.11 0.93
CA THR A 8 -9.64 0.21 1.00
C THR A 8 -9.88 0.61 2.46
N VAL A 9 -9.38 -0.16 3.38
CA VAL A 9 -9.57 0.17 4.82
C VAL A 9 -8.23 0.20 5.55
N GLY A 10 -7.62 -0.94 5.73
CA GLY A 10 -6.31 -0.98 6.43
C GLY A 10 -5.41 0.16 5.93
N PRO A 11 -5.33 1.17 6.74
CA PRO A 11 -4.49 2.36 6.38
C PRO A 11 -3.01 2.02 6.51
N SER A 12 -2.63 1.32 7.55
CA SER A 12 -1.20 0.95 7.73
C SER A 12 -0.77 -0.04 6.66
N VAL A 13 -1.47 -1.15 6.55
CA VAL A 13 -1.09 -2.16 5.51
C VAL A 13 -1.04 -1.50 4.13
N TRP A 14 -2.01 -0.69 3.81
CA TRP A 14 -2.01 -0.01 2.49
C TRP A 14 -0.73 0.82 2.33
N ALA A 15 -0.40 1.60 3.33
CA ALA A 15 0.83 2.42 3.24
C ALA A 15 2.04 1.55 2.91
N TYR A 16 1.96 0.29 3.23
CA TYR A 16 3.10 -0.64 2.95
C TYR A 16 3.13 -0.99 1.46
N LEU A 17 2.02 -1.42 0.93
CA LEU A 17 1.98 -1.79 -0.52
C LEU A 17 2.35 -0.56 -1.37
N VAL A 18 2.18 0.61 -0.84
CA VAL A 18 2.52 1.85 -1.60
C VAL A 18 4.01 2.17 -1.44
N ALA A 19 4.52 2.07 -0.25
CA ALA A 19 5.97 2.38 -0.03
C ALA A 19 6.83 1.34 -0.75
N LEU A 20 6.31 0.17 -0.98
CA LEU A 20 7.10 -0.88 -1.68
C LEU A 20 6.93 -0.76 -3.19
N VAL A 21 5.74 -0.45 -3.65
CA VAL A 21 5.52 -0.31 -5.12
C VAL A 21 6.17 0.97 -5.63
N GLY A 22 6.42 1.91 -4.76
CA GLY A 22 7.05 3.19 -5.20
C GLY A 22 8.56 2.99 -5.31
N ALA A 23 9.08 1.97 -4.69
CA ALA A 23 10.55 1.73 -4.76
C ALA A 23 10.93 1.17 -6.13
N ALA A 24 9.98 0.66 -6.86
CA ALA A 24 10.29 0.10 -8.21
C ALA A 24 10.18 1.20 -9.27
N ALA A 25 9.34 2.17 -9.06
CA ALA A 25 9.20 3.28 -10.05
C ALA A 25 10.42 4.19 -10.01
N VAL A 26 11.31 3.96 -9.09
CA VAL A 26 12.52 4.81 -9.00
C VAL A 26 13.60 4.33 -9.98
N THR A 27 13.51 3.11 -10.41
CA THR A 27 14.51 2.58 -11.37
C THR A 27 14.28 3.15 -12.77
N ALA A 28 13.04 3.34 -13.13
CA ALA A 28 12.73 3.91 -14.48
C ALA A 28 12.73 5.44 -14.43
N ALA A 29 12.37 6.00 -13.31
CA ALA A 29 12.36 7.49 -13.20
C ALA A 29 13.56 7.97 -12.39
N ASN A 30 14.24 8.98 -12.86
CA ASN A 30 15.43 9.49 -12.11
C ASN A 30 15.92 10.81 -12.73
N PRO A 1 -25.66 -3.83 4.17
CA PRO A 1 -24.92 -2.88 5.03
C PRO A 1 -23.45 -3.28 5.11
N ALA A 2 -22.71 -2.66 6.00
CA ALA A 2 -21.26 -3.00 6.14
C ALA A 2 -20.83 -2.91 7.60
N ILE A 3 -21.61 -3.46 8.49
CA ILE A 3 -21.25 -3.40 9.94
C ILE A 3 -20.54 -4.71 10.36
N TYR A 4 -21.13 -5.83 10.07
CA TYR A 4 -20.50 -7.13 10.45
C TYR A 4 -19.70 -7.68 9.29
N ILE A 5 -19.32 -6.81 8.40
CA ILE A 5 -18.53 -7.24 7.21
C ILE A 5 -17.04 -7.06 7.50
N GLY A 6 -16.68 -7.10 8.74
CA GLY A 6 -15.25 -6.94 9.12
C GLY A 6 -15.00 -5.49 9.51
N ALA A 7 -15.53 -4.56 8.76
CA ALA A 7 -15.32 -3.11 9.08
C ALA A 7 -13.81 -2.81 9.17
N THR A 8 -13.01 -3.50 8.41
CA THR A 8 -11.54 -3.24 8.44
C THR A 8 -11.18 -2.10 7.49
N VAL A 9 -10.08 -1.44 7.75
CA VAL A 9 -9.66 -0.32 6.85
C VAL A 9 -8.31 -0.63 6.21
N GLY A 10 -7.54 -1.50 6.81
CA GLY A 10 -6.22 -1.84 6.22
C GLY A 10 -5.43 -0.56 5.96
N PRO A 11 -5.33 0.25 6.98
CA PRO A 11 -4.59 1.54 6.86
C PRO A 11 -3.08 1.28 6.82
N SER A 12 -2.53 0.65 7.82
CA SER A 12 -1.07 0.38 7.83
C SER A 12 -0.67 -0.39 6.56
N VAL A 13 -1.17 -1.59 6.39
CA VAL A 13 -0.82 -2.38 5.18
C VAL A 13 -0.85 -1.49 3.94
N TRP A 14 -1.93 -0.77 3.73
CA TRP A 14 -2.02 0.11 2.54
C TRP A 14 -0.75 0.95 2.40
N ALA A 15 -0.31 1.56 3.47
CA ALA A 15 0.92 2.40 3.40
C ALA A 15 2.12 1.55 2.97
N TYR A 16 2.17 0.32 3.37
CA TYR A 16 3.31 -0.55 2.98
C TYR A 16 3.29 -0.82 1.47
N LEU A 17 2.15 -1.19 0.94
CA LEU A 17 2.07 -1.48 -0.52
C LEU A 17 2.32 -0.19 -1.32
N VAL A 18 2.08 0.94 -0.72
CA VAL A 18 2.29 2.24 -1.43
C VAL A 18 3.79 2.53 -1.55
N ALA A 19 4.46 2.69 -0.45
CA ALA A 19 5.92 2.99 -0.51
C ALA A 19 6.64 1.91 -1.35
N LEU A 20 6.11 0.72 -1.38
CA LEU A 20 6.76 -0.36 -2.17
C LEU A 20 6.65 -0.05 -3.67
N VAL A 21 5.47 0.27 -4.14
CA VAL A 21 5.31 0.58 -5.59
C VAL A 21 6.26 1.70 -6.01
N GLY A 22 6.30 2.77 -5.25
CA GLY A 22 7.22 3.89 -5.61
C GLY A 22 8.67 3.41 -5.55
N ALA A 23 8.97 2.50 -4.68
CA ALA A 23 10.37 1.99 -4.57
C ALA A 23 10.78 1.31 -5.88
N ALA A 24 9.85 0.73 -6.59
CA ALA A 24 10.19 0.05 -7.87
C ALA A 24 10.15 1.05 -9.02
N ALA A 25 9.26 2.00 -8.98
CA ALA A 25 9.17 3.01 -10.08
C ALA A 25 10.48 3.78 -10.18
N VAL A 26 11.33 3.67 -9.20
CA VAL A 26 12.63 4.40 -9.25
C VAL A 26 13.72 3.51 -9.84
N THR A 27 13.55 2.21 -9.75
CA THR A 27 14.58 1.29 -10.31
C THR A 27 14.53 1.32 -11.84
N ALA A 28 13.35 1.35 -12.40
CA ALA A 28 13.24 1.39 -13.89
C ALA A 28 13.61 2.78 -14.42
N ALA A 29 13.08 3.81 -13.82
CA ALA A 29 13.41 5.19 -14.28
C ALA A 29 14.59 5.75 -13.48
N ASN A 30 15.79 5.58 -13.96
CA ASN A 30 16.97 6.10 -13.23
C ASN A 30 17.05 5.45 -11.84
N PRO A 1 -17.41 -5.64 0.21
CA PRO A 1 -16.54 -6.35 1.20
C PRO A 1 -16.79 -5.80 2.60
N ALA A 2 -16.56 -6.60 3.61
CA ALA A 2 -16.78 -6.12 5.01
C ALA A 2 -16.33 -7.19 6.01
N ILE A 3 -15.10 -7.62 5.93
CA ILE A 3 -14.62 -8.66 6.87
C ILE A 3 -14.90 -8.24 8.32
N TYR A 4 -14.48 -7.05 8.69
CA TYR A 4 -14.73 -6.57 10.08
C TYR A 4 -15.72 -5.42 10.06
N ILE A 5 -16.50 -5.37 9.02
CA ILE A 5 -17.51 -4.29 8.89
C ILE A 5 -16.93 -2.95 9.35
N GLY A 6 -15.65 -2.81 9.21
CA GLY A 6 -14.98 -1.54 9.63
C GLY A 6 -13.50 -1.62 9.28
N ALA A 7 -13.16 -2.11 8.12
CA ALA A 7 -11.73 -2.21 7.74
C ALA A 7 -11.59 -2.14 6.21
N THR A 8 -12.50 -1.48 5.55
CA THR A 8 -12.42 -1.37 4.07
C THR A 8 -11.46 -0.25 3.67
N VAL A 9 -10.77 0.32 4.62
CA VAL A 9 -9.81 1.40 4.30
C VAL A 9 -8.39 0.84 4.21
N GLY A 10 -7.85 0.40 5.31
CA GLY A 10 -6.47 -0.18 5.28
C GLY A 10 -5.45 0.94 5.06
N PRO A 11 -5.36 1.81 6.03
CA PRO A 11 -4.40 2.94 5.96
C PRO A 11 -2.97 2.44 6.17
N SER A 12 -2.79 1.53 7.09
CA SER A 12 -1.42 0.99 7.35
C SER A 12 -0.98 0.07 6.20
N VAL A 13 -1.72 -0.97 5.96
CA VAL A 13 -1.35 -1.92 4.87
C VAL A 13 -1.16 -1.15 3.56
N TRP A 14 -2.01 -0.20 3.29
CA TRP A 14 -1.87 0.58 2.03
C TRP A 14 -0.50 1.26 1.97
N ALA A 15 0.00 1.72 3.09
CA ALA A 15 1.33 2.38 3.09
C ALA A 15 2.44 1.36 2.85
N TYR A 16 2.26 0.16 3.32
CA TYR A 16 3.30 -0.89 3.11
C TYR A 16 3.36 -1.30 1.64
N LEU A 17 2.23 -1.44 1.01
CA LEU A 17 2.22 -1.83 -0.43
C LEU A 17 2.69 -0.65 -1.29
N VAL A 18 2.43 0.55 -0.83
CA VAL A 18 2.85 1.75 -1.62
C VAL A 18 4.35 2.00 -1.40
N ALA A 19 4.87 1.60 -0.28
CA ALA A 19 6.33 1.81 -0.01
C ALA A 19 7.16 0.81 -0.81
N LEU A 20 6.77 -0.44 -0.81
CA LEU A 20 7.54 -1.47 -1.57
C LEU A 20 7.44 -1.19 -3.08
N VAL A 21 6.26 -1.03 -3.58
CA VAL A 21 6.10 -0.76 -5.04
C VAL A 21 6.61 0.64 -5.38
N GLY A 22 6.87 1.44 -4.39
CA GLY A 22 7.37 2.82 -4.65
C GLY A 22 8.85 2.75 -5.05
N ALA A 23 9.61 1.93 -4.39
CA ALA A 23 11.06 1.83 -4.72
C ALA A 23 11.23 1.44 -6.20
N ALA A 24 10.34 0.64 -6.72
CA ALA A 24 10.45 0.22 -8.14
C ALA A 24 9.77 1.26 -9.05
N ALA A 25 8.83 2.01 -8.52
CA ALA A 25 8.14 3.04 -9.35
C ALA A 25 9.03 4.26 -9.53
N VAL A 26 10.21 4.25 -8.94
CA VAL A 26 11.11 5.42 -9.08
C VAL A 26 12.36 5.01 -9.87
N THR A 27 12.51 3.75 -10.17
CA THR A 27 13.70 3.30 -10.94
C THR A 27 13.28 2.72 -12.30
N ALA A 28 12.06 2.28 -12.40
CA ALA A 28 11.58 1.70 -13.70
C ALA A 28 11.17 2.83 -14.64
N ALA A 29 11.40 4.06 -14.26
CA ALA A 29 11.02 5.19 -15.14
C ALA A 29 12.03 5.35 -16.28
N ASN A 30 11.63 5.09 -17.49
CA ASN A 30 12.57 5.21 -18.64
C ASN A 30 11.81 5.67 -19.89
N PRO A 1 -16.71 -14.49 3.22
CA PRO A 1 -15.51 -14.40 4.12
C PRO A 1 -15.19 -12.92 4.42
N ALA A 2 -14.24 -12.68 5.28
CA ALA A 2 -13.88 -11.27 5.61
C ALA A 2 -15.12 -10.51 6.07
N ILE A 3 -16.05 -11.18 6.69
CA ILE A 3 -17.29 -10.50 7.16
C ILE A 3 -17.14 -10.09 8.63
N TYR A 4 -16.67 -10.99 9.46
CA TYR A 4 -16.49 -10.65 10.90
C TYR A 4 -15.01 -10.58 11.24
N ILE A 5 -14.21 -10.33 10.25
CA ILE A 5 -12.74 -10.24 10.46
C ILE A 5 -12.32 -8.77 10.49
N GLY A 6 -13.21 -7.92 10.88
CA GLY A 6 -12.90 -6.47 10.94
C GLY A 6 -13.53 -5.76 9.74
N ALA A 7 -13.42 -6.33 8.57
CA ALA A 7 -14.02 -5.70 7.37
C ALA A 7 -13.44 -4.30 7.15
N THR A 8 -12.23 -4.08 7.58
CA THR A 8 -11.61 -2.73 7.41
C THR A 8 -10.96 -2.63 6.02
N VAL A 9 -10.34 -1.51 5.72
CA VAL A 9 -9.70 -1.34 4.39
C VAL A 9 -8.22 -1.74 4.47
N GLY A 10 -7.58 -1.43 5.56
CA GLY A 10 -6.13 -1.78 5.70
C GLY A 10 -5.29 -0.50 5.70
N PRO A 11 -5.14 0.06 6.86
CA PRO A 11 -4.34 1.30 7.00
C PRO A 11 -2.85 1.00 6.86
N SER A 12 -2.36 0.00 7.53
CA SER A 12 -0.92 -0.34 7.43
C SER A 12 -0.63 -1.03 6.09
N VAL A 13 -1.27 -2.14 5.84
CA VAL A 13 -1.05 -2.86 4.55
C VAL A 13 -1.13 -1.87 3.37
N TRP A 14 -1.90 -0.83 3.52
CA TRP A 14 -2.02 0.16 2.40
C TRP A 14 -0.75 1.01 2.31
N ALA A 15 -0.43 1.71 3.37
CA ALA A 15 0.80 2.55 3.35
C ALA A 15 2.03 1.68 3.04
N TYR A 16 1.90 0.39 3.17
CA TYR A 16 3.05 -0.51 2.89
C TYR A 16 3.15 -0.77 1.38
N LEU A 17 2.05 -1.00 0.73
CA LEU A 17 2.08 -1.26 -0.73
C LEU A 17 2.32 0.05 -1.49
N VAL A 18 2.00 1.16 -0.87
CA VAL A 18 2.20 2.47 -1.55
C VAL A 18 3.67 2.88 -1.45
N ALA A 19 4.20 2.96 -0.26
CA ALA A 19 5.63 3.35 -0.10
C ALA A 19 6.53 2.36 -0.84
N LEU A 20 6.15 1.12 -0.89
CA LEU A 20 6.97 0.11 -1.61
C LEU A 20 6.95 0.38 -3.12
N VAL A 21 5.79 0.60 -3.67
CA VAL A 21 5.70 0.87 -5.14
C VAL A 21 6.42 2.17 -5.47
N GLY A 22 6.69 2.98 -4.48
CA GLY A 22 7.39 4.27 -4.75
C GLY A 22 8.86 4.00 -5.08
N ALA A 23 9.54 3.28 -4.24
CA ALA A 23 10.97 2.98 -4.52
C ALA A 23 11.10 1.98 -5.67
N ALA A 24 10.04 1.27 -5.96
CA ALA A 24 10.10 0.27 -7.08
C ALA A 24 9.84 0.97 -8.42
N ALA A 25 9.44 2.21 -8.38
CA ALA A 25 9.17 2.95 -9.64
C ALA A 25 10.47 3.48 -10.23
N VAL A 26 11.59 3.17 -9.62
CA VAL A 26 12.90 3.67 -10.14
C VAL A 26 13.61 2.55 -10.90
N THR A 27 13.19 1.33 -10.71
CA THR A 27 13.84 0.20 -11.44
C THR A 27 13.13 -0.05 -12.77
N ALA A 28 11.95 0.46 -12.93
CA ALA A 28 11.20 0.25 -14.21
C ALA A 28 11.90 1.01 -15.34
N ALA A 29 12.56 2.09 -15.03
CA ALA A 29 13.25 2.87 -16.10
C ALA A 29 14.68 2.34 -16.30
N ASN A 30 15.23 1.70 -15.31
CA ASN A 30 16.61 1.17 -15.44
C ASN A 30 17.59 2.29 -15.78
N PRO A 1 -22.70 -0.48 2.35
CA PRO A 1 -21.37 -0.78 1.74
C PRO A 1 -20.35 0.29 2.16
N ALA A 2 -19.09 -0.04 2.14
CA ALA A 2 -18.04 0.95 2.54
C ALA A 2 -16.65 0.32 2.43
N ILE A 3 -16.42 -0.46 1.41
CA ILE A 3 -15.07 -1.10 1.26
C ILE A 3 -14.16 -0.20 0.42
N TYR A 4 -14.72 0.61 -0.44
CA TYR A 4 -13.88 1.50 -1.29
C TYR A 4 -14.26 2.96 -1.04
N ILE A 5 -14.82 3.21 0.09
CA ILE A 5 -15.24 4.60 0.44
C ILE A 5 -14.16 5.26 1.29
N GLY A 6 -12.95 4.83 1.13
CA GLY A 6 -11.82 5.42 1.90
C GLY A 6 -11.01 4.29 2.55
N ALA A 7 -11.57 3.12 2.62
CA ALA A 7 -10.82 1.98 3.24
C ALA A 7 -10.15 2.44 4.53
N THR A 8 -10.87 2.37 5.62
CA THR A 8 -10.28 2.79 6.93
C THR A 8 -9.96 1.57 7.79
N VAL A 9 -10.06 0.40 7.22
CA VAL A 9 -9.77 -0.84 8.00
C VAL A 9 -8.37 -1.36 7.64
N GLY A 10 -7.63 -0.63 6.86
CA GLY A 10 -6.27 -1.08 6.48
C GLY A 10 -5.46 0.10 5.94
N PRO A 11 -5.41 1.14 6.73
CA PRO A 11 -4.66 2.35 6.33
C PRO A 11 -3.14 2.10 6.42
N SER A 12 -2.69 1.54 7.51
CA SER A 12 -1.24 1.26 7.65
C SER A 12 -0.78 0.28 6.58
N VAL A 13 -1.24 -0.94 6.64
CA VAL A 13 -0.82 -1.94 5.61
C VAL A 13 -0.87 -1.31 4.21
N TRP A 14 -1.86 -0.51 3.96
CA TRP A 14 -1.96 0.14 2.61
C TRP A 14 -0.67 0.92 2.32
N ALA A 15 -0.26 1.78 3.20
CA ALA A 15 0.99 2.56 2.97
C ALA A 15 2.16 1.61 2.72
N TYR A 16 2.09 0.41 3.23
CA TYR A 16 3.20 -0.55 3.03
C TYR A 16 3.18 -1.09 1.59
N LEU A 17 2.01 -1.25 1.03
CA LEU A 17 1.92 -1.76 -0.37
C LEU A 17 2.36 -0.67 -1.36
N VAL A 18 2.08 0.56 -1.04
CA VAL A 18 2.48 1.67 -1.96
C VAL A 18 3.97 1.96 -1.80
N ALA A 19 4.49 1.83 -0.61
CA ALA A 19 5.95 2.09 -0.40
C ALA A 19 6.78 1.05 -1.14
N LEU A 20 6.44 -0.21 -1.01
CA LEU A 20 7.21 -1.27 -1.71
C LEU A 20 7.11 -1.07 -3.23
N VAL A 21 5.91 -1.01 -3.74
CA VAL A 21 5.74 -0.83 -5.21
C VAL A 21 6.29 0.54 -5.63
N GLY A 22 6.52 1.42 -4.70
CA GLY A 22 7.05 2.76 -5.04
C GLY A 22 8.53 2.65 -5.41
N ALA A 23 9.25 1.79 -4.73
CA ALA A 23 10.70 1.63 -5.03
C ALA A 23 10.89 1.28 -6.52
N ALA A 24 9.94 0.61 -7.11
CA ALA A 24 10.07 0.24 -8.55
C ALA A 24 9.98 1.49 -9.42
N ALA A 25 9.19 2.45 -9.03
CA ALA A 25 9.06 3.70 -9.84
C ALA A 25 10.31 4.55 -9.69
N VAL A 26 11.09 4.30 -8.69
CA VAL A 26 12.34 5.09 -8.48
C VAL A 26 13.47 4.53 -9.35
N THR A 27 13.24 3.41 -9.98
CA THR A 27 14.28 2.81 -10.84
C THR A 27 14.04 3.17 -12.31
N ALA A 28 12.85 2.98 -12.79
CA ALA A 28 12.54 3.31 -14.20
C ALA A 28 11.99 4.73 -14.30
N ALA A 29 12.78 5.71 -13.95
CA ALA A 29 12.31 7.12 -14.01
C ALA A 29 12.43 7.66 -15.44
N ASN A 30 13.63 7.93 -15.88
CA ASN A 30 13.83 8.45 -17.27
C ASN A 30 12.91 9.64 -17.51
N PRO A 1 -12.24 -0.16 13.16
CA PRO A 1 -11.43 -1.38 12.82
C PRO A 1 -12.07 -2.12 11.63
N ALA A 2 -11.30 -2.95 10.98
CA ALA A 2 -11.87 -3.70 9.81
C ALA A 2 -10.84 -4.72 9.30
N ILE A 3 -10.96 -5.95 9.73
CA ILE A 3 -10.01 -7.00 9.27
C ILE A 3 -10.57 -7.74 8.06
N TYR A 4 -11.70 -8.37 8.21
CA TYR A 4 -12.31 -9.12 7.08
C TYR A 4 -13.45 -8.31 6.47
N ILE A 5 -13.39 -7.04 6.66
CA ILE A 5 -14.46 -6.14 6.11
C ILE A 5 -14.06 -5.63 4.74
N GLY A 6 -13.25 -6.37 4.06
CA GLY A 6 -12.79 -5.96 2.70
C GLY A 6 -11.43 -5.28 2.81
N ALA A 7 -11.07 -4.84 3.98
CA ALA A 7 -9.75 -4.17 4.16
C ALA A 7 -9.65 -2.95 3.24
N THR A 8 -10.76 -2.37 2.88
CA THR A 8 -10.73 -1.18 1.99
C THR A 8 -10.41 0.09 2.79
N VAL A 9 -10.10 -0.07 4.05
CA VAL A 9 -9.79 1.12 4.89
C VAL A 9 -8.41 0.98 5.54
N GLY A 10 -7.95 -0.24 5.69
CA GLY A 10 -6.61 -0.46 6.32
C GLY A 10 -5.62 0.56 5.77
N PRO A 11 -5.35 1.57 6.56
CA PRO A 11 -4.39 2.64 6.15
C PRO A 11 -2.95 2.11 6.19
N SER A 12 -2.62 1.37 7.21
CA SER A 12 -1.23 0.83 7.30
C SER A 12 -0.94 -0.09 6.12
N VAL A 13 -1.67 -1.17 5.99
CA VAL A 13 -1.44 -2.10 4.86
C VAL A 13 -1.28 -1.32 3.55
N TRP A 14 -2.07 -0.29 3.37
CA TRP A 14 -1.98 0.51 2.11
C TRP A 14 -0.60 1.17 2.00
N ALA A 15 -0.17 1.86 3.02
CA ALA A 15 1.17 2.51 2.96
C ALA A 15 2.27 1.47 2.77
N TYR A 16 2.04 0.26 3.20
CA TYR A 16 3.07 -0.80 3.04
C TYR A 16 3.20 -1.17 1.56
N LEU A 17 2.11 -1.40 0.90
CA LEU A 17 2.17 -1.78 -0.54
C LEU A 17 2.68 -0.58 -1.36
N VAL A 18 2.41 0.60 -0.92
CA VAL A 18 2.88 1.81 -1.67
C VAL A 18 4.36 2.07 -1.36
N ALA A 19 4.82 1.65 -0.22
CA ALA A 19 6.25 1.87 0.13
C ALA A 19 7.14 0.91 -0.66
N LEU A 20 6.74 -0.33 -0.79
CA LEU A 20 7.57 -1.31 -1.55
C LEU A 20 7.50 -0.99 -3.04
N VAL A 21 6.32 -0.79 -3.56
CA VAL A 21 6.18 -0.48 -5.02
C VAL A 21 6.70 0.94 -5.30
N GLY A 22 6.74 1.77 -4.30
CA GLY A 22 7.23 3.17 -4.51
C GLY A 22 8.74 3.14 -4.73
N ALA A 23 9.40 2.12 -4.27
CA ALA A 23 10.88 2.05 -4.45
C ALA A 23 11.22 1.57 -5.87
N ALA A 24 10.36 0.77 -6.46
CA ALA A 24 10.63 0.27 -7.84
C ALA A 24 10.03 1.23 -8.87
N ALA A 25 9.08 2.03 -8.47
CA ALA A 25 8.45 2.98 -9.43
C ALA A 25 9.46 4.07 -9.82
N VAL A 26 10.52 4.21 -9.07
CA VAL A 26 11.54 5.24 -9.40
C VAL A 26 12.55 4.68 -10.41
N THR A 27 12.62 3.38 -10.51
CA THR A 27 13.58 2.77 -11.47
C THR A 27 12.83 2.24 -12.70
N ALA A 28 11.54 2.29 -12.67
CA ALA A 28 10.74 1.80 -13.85
C ALA A 28 10.52 2.94 -14.85
N ALA A 29 10.48 4.16 -14.37
CA ALA A 29 10.27 5.31 -15.30
C ALA A 29 11.57 5.66 -16.02
N ASN A 30 11.51 5.88 -17.31
CA ASN A 30 12.75 6.23 -18.05
C ASN A 30 12.43 6.43 -19.54
N PRO A 1 -16.23 -10.92 18.65
CA PRO A 1 -17.41 -10.01 18.61
C PRO A 1 -17.08 -8.74 17.81
N ALA A 2 -18.01 -8.26 17.03
CA ALA A 2 -17.75 -7.04 16.23
C ALA A 2 -18.99 -6.66 15.41
N ILE A 3 -19.98 -6.12 16.05
CA ILE A 3 -21.22 -5.72 15.31
C ILE A 3 -20.85 -4.92 14.06
N TYR A 4 -20.79 -3.62 14.16
CA TYR A 4 -20.42 -2.79 12.98
C TYR A 4 -19.01 -2.27 13.12
N ILE A 5 -18.24 -2.95 13.90
CA ILE A 5 -16.82 -2.53 14.12
C ILE A 5 -15.91 -3.22 13.11
N GLY A 6 -16.46 -3.58 12.00
CA GLY A 6 -15.64 -4.26 10.95
C GLY A 6 -15.89 -3.60 9.59
N ALA A 7 -15.81 -2.29 9.54
CA ALA A 7 -16.04 -1.59 8.24
C ALA A 7 -14.78 -0.83 7.83
N THR A 8 -13.63 -1.27 8.28
CA THR A 8 -12.37 -0.57 7.91
C THR A 8 -11.68 -1.30 6.76
N VAL A 9 -10.62 -0.74 6.24
CA VAL A 9 -9.91 -1.41 5.10
C VAL A 9 -8.46 -1.74 5.51
N GLY A 10 -7.63 -0.75 5.65
CA GLY A 10 -6.23 -1.03 6.05
C GLY A 10 -5.36 0.20 5.74
N PRO A 11 -5.18 1.02 6.74
CA PRO A 11 -4.36 2.25 6.58
C PRO A 11 -2.87 1.90 6.58
N SER A 12 -2.43 1.11 7.53
CA SER A 12 -0.99 0.73 7.58
C SER A 12 -0.63 -0.20 6.42
N VAL A 13 -1.23 -1.36 6.38
CA VAL A 13 -0.91 -2.31 5.28
C VAL A 13 -0.97 -1.59 3.93
N TRP A 14 -1.83 -0.61 3.80
CA TRP A 14 -1.93 0.13 2.52
C TRP A 14 -0.68 0.98 2.31
N ALA A 15 -0.21 1.63 3.34
CA ALA A 15 1.01 2.47 3.20
C ALA A 15 2.22 1.59 2.91
N TYR A 16 2.16 0.34 3.27
CA TYR A 16 3.30 -0.58 3.01
C TYR A 16 3.31 -1.00 1.54
N LEU A 17 2.18 -1.41 1.03
CA LEU A 17 2.13 -1.83 -0.41
C LEU A 17 2.34 -0.61 -1.31
N VAL A 18 2.10 0.57 -0.80
CA VAL A 18 2.29 1.79 -1.63
C VAL A 18 3.76 2.20 -1.64
N ALA A 19 4.35 2.36 -0.48
CA ALA A 19 5.79 2.77 -0.43
C ALA A 19 6.65 1.71 -1.12
N LEU A 20 6.30 0.46 -1.00
CA LEU A 20 7.10 -0.61 -1.65
C LEU A 20 6.91 -0.57 -3.17
N VAL A 21 5.68 -0.47 -3.61
CA VAL A 21 5.43 -0.42 -5.09
C VAL A 21 6.00 0.88 -5.67
N GLY A 22 6.18 1.87 -4.85
CA GLY A 22 6.73 3.16 -5.36
C GLY A 22 8.23 3.01 -5.62
N ALA A 23 8.88 2.14 -4.89
CA ALA A 23 10.35 1.94 -5.09
C ALA A 23 10.61 1.42 -6.51
N ALA A 24 9.63 0.81 -7.11
CA ALA A 24 9.82 0.28 -8.50
C ALA A 24 9.94 1.44 -9.50
N ALA A 25 9.22 2.50 -9.28
CA ALA A 25 9.29 3.65 -10.22
C ALA A 25 10.58 4.43 -9.99
N VAL A 26 11.34 4.07 -8.99
CA VAL A 26 12.62 4.78 -8.71
C VAL A 26 13.79 3.99 -9.29
N THR A 27 13.58 2.76 -9.66
CA THR A 27 14.69 1.94 -10.23
C THR A 27 14.46 1.69 -11.72
N ALA A 28 13.23 1.73 -12.15
CA ALA A 28 12.93 1.50 -13.59
C ALA A 28 12.89 2.83 -14.34
N ALA A 29 13.83 3.70 -14.08
CA ALA A 29 13.84 5.02 -14.77
C ALA A 29 14.67 4.94 -16.06
N ASN A 30 15.17 3.77 -16.37
CA ASN A 30 15.99 3.62 -17.62
C ASN A 30 15.48 2.43 -18.44
N PRO A 1 -19.81 5.46 19.41
CA PRO A 1 -19.96 4.36 18.41
C PRO A 1 -18.60 3.72 18.12
N ALA A 2 -18.47 3.02 17.01
CA ALA A 2 -17.17 2.38 16.69
C ALA A 2 -17.00 2.30 15.17
N ILE A 3 -17.34 3.34 14.47
CA ILE A 3 -17.19 3.32 12.98
C ILE A 3 -15.71 3.43 12.61
N TYR A 4 -15.08 4.54 12.92
CA TYR A 4 -13.65 4.71 12.58
C TYR A 4 -12.83 4.86 13.85
N ILE A 5 -13.36 4.37 14.91
CA ILE A 5 -12.65 4.46 16.23
C ILE A 5 -11.91 3.15 16.51
N GLY A 6 -11.55 2.47 15.47
CA GLY A 6 -10.81 1.18 15.64
C GLY A 6 -11.21 0.22 14.52
N ALA A 7 -12.27 0.52 13.82
CA ALA A 7 -12.71 -0.39 12.71
C ALA A 7 -12.28 0.18 11.36
N THR A 8 -11.18 0.89 11.33
CA THR A 8 -10.71 1.47 10.04
C THR A 8 -10.62 0.39 8.97
N VAL A 9 -10.17 0.74 7.79
CA VAL A 9 -10.06 -0.27 6.70
C VAL A 9 -8.64 -0.84 6.65
N GLY A 10 -7.73 -0.14 6.04
CA GLY A 10 -6.33 -0.63 5.96
C GLY A 10 -5.39 0.53 5.64
N PRO A 11 -5.22 1.39 6.60
CA PRO A 11 -4.32 2.56 6.43
C PRO A 11 -2.86 2.13 6.46
N SER A 12 -2.46 1.44 7.49
CA SER A 12 -1.04 0.99 7.59
C SER A 12 -0.73 0.00 6.46
N VAL A 13 -1.54 -1.01 6.31
CA VAL A 13 -1.29 -2.01 5.24
C VAL A 13 -1.24 -1.32 3.87
N TRP A 14 -2.10 -0.36 3.65
CA TRP A 14 -2.11 0.35 2.33
C TRP A 14 -0.79 1.11 2.14
N ALA A 15 -0.29 1.73 3.18
CA ALA A 15 0.98 2.48 3.06
C ALA A 15 2.16 1.52 2.85
N TYR A 16 2.02 0.30 3.30
CA TYR A 16 3.12 -0.69 3.13
C TYR A 16 3.16 -1.19 1.69
N LEU A 17 2.02 -1.47 1.12
CA LEU A 17 1.98 -1.96 -0.29
C LEU A 17 2.38 -0.84 -1.25
N VAL A 18 2.10 0.39 -0.88
CA VAL A 18 2.46 1.54 -1.76
C VAL A 18 3.96 1.83 -1.66
N ALA A 19 4.49 1.86 -0.46
CA ALA A 19 5.94 2.13 -0.29
C ALA A 19 6.77 1.06 -1.01
N LEU A 20 6.32 -0.17 -0.98
CA LEU A 20 7.07 -1.25 -1.67
C LEU A 20 7.04 -1.05 -3.18
N VAL A 21 5.87 -0.81 -3.72
CA VAL A 21 5.76 -0.60 -5.19
C VAL A 21 6.24 0.81 -5.55
N GLY A 22 6.61 1.59 -4.58
CA GLY A 22 7.08 2.97 -4.87
C GLY A 22 8.60 2.97 -5.03
N ALA A 23 9.27 1.98 -4.50
CA ALA A 23 10.75 1.92 -4.62
C ALA A 23 11.14 1.54 -6.06
N ALA A 24 10.40 0.66 -6.67
CA ALA A 24 10.73 0.24 -8.06
C ALA A 24 10.23 1.30 -9.05
N ALA A 25 9.50 2.27 -8.58
CA ALA A 25 8.99 3.33 -9.49
C ALA A 25 10.09 4.34 -9.82
N VAL A 26 11.13 4.35 -9.03
CA VAL A 26 12.25 5.31 -9.29
C VAL A 26 13.25 4.69 -10.27
N THR A 27 13.19 3.40 -10.46
CA THR A 27 14.13 2.74 -11.40
C THR A 27 13.53 2.71 -12.81
N ALA A 28 12.28 3.02 -12.93
CA ALA A 28 11.63 3.01 -14.29
C ALA A 28 11.80 4.38 -14.95
N ALA A 29 11.84 5.43 -14.18
CA ALA A 29 11.98 6.78 -14.77
C ALA A 29 13.37 7.34 -14.47
N ASN A 30 13.69 8.51 -14.97
CA ASN A 30 15.04 9.09 -14.70
C ASN A 30 14.92 10.62 -14.56
N PRO A 1 -5.48 -9.46 8.12
CA PRO A 1 -6.80 -9.76 8.78
C PRO A 1 -7.56 -8.46 9.06
N ALA A 2 -8.82 -8.57 9.40
CA ALA A 2 -9.62 -7.35 9.70
C ALA A 2 -11.08 -7.72 9.93
N ILE A 3 -11.33 -8.80 10.63
CA ILE A 3 -12.73 -9.21 10.89
C ILE A 3 -13.20 -8.64 12.25
N TYR A 4 -12.72 -9.20 13.33
CA TYR A 4 -13.14 -8.70 14.67
C TYR A 4 -11.93 -8.14 15.41
N ILE A 5 -10.94 -7.77 14.68
CA ILE A 5 -9.71 -7.21 15.29
C ILE A 5 -9.78 -5.68 15.30
N GLY A 6 -10.96 -5.17 15.33
CA GLY A 6 -11.14 -3.69 15.34
C GLY A 6 -12.00 -3.26 14.16
N ALA A 7 -12.11 -4.09 13.16
CA ALA A 7 -12.95 -3.74 11.97
C ALA A 7 -12.31 -2.58 11.20
N THR A 8 -11.01 -2.52 11.20
CA THR A 8 -10.32 -1.41 10.47
C THR A 8 -10.23 -1.74 8.98
N VAL A 9 -9.74 -0.81 8.19
CA VAL A 9 -9.62 -1.06 6.72
C VAL A 9 -8.18 -1.45 6.37
N GLY A 10 -7.25 -1.10 7.19
CA GLY A 10 -5.83 -1.45 6.90
C GLY A 10 -5.06 -0.19 6.47
N PRO A 11 -4.90 0.70 7.41
CA PRO A 11 -4.17 1.97 7.13
C PRO A 11 -2.67 1.69 6.95
N SER A 12 -2.06 1.02 7.88
CA SER A 12 -0.60 0.73 7.76
C SER A 12 -0.36 -0.21 6.58
N VAL A 13 -0.97 -1.36 6.58
CA VAL A 13 -0.78 -2.31 5.45
C VAL A 13 -0.95 -1.59 4.12
N TRP A 14 -1.99 -0.81 3.98
CA TRP A 14 -2.21 -0.07 2.71
C TRP A 14 -0.98 0.78 2.36
N ALA A 15 -0.54 1.59 3.28
CA ALA A 15 0.66 2.44 3.01
C ALA A 15 1.86 1.55 2.67
N TYR A 16 1.84 0.31 3.08
CA TYR A 16 2.97 -0.60 2.76
C TYR A 16 2.97 -0.94 1.27
N LEU A 17 1.83 -1.29 0.74
CA LEU A 17 1.77 -1.63 -0.72
C LEU A 17 2.08 -0.40 -1.56
N VAL A 18 1.78 0.76 -1.05
CA VAL A 18 2.06 2.01 -1.83
C VAL A 18 3.56 2.32 -1.80
N ALA A 19 4.10 2.57 -0.64
CA ALA A 19 5.57 2.88 -0.56
C ALA A 19 6.38 1.78 -1.23
N LEU A 20 5.83 0.60 -1.34
CA LEU A 20 6.57 -0.52 -1.98
C LEU A 20 6.60 -0.34 -3.51
N VAL A 21 5.46 -0.02 -4.09
CA VAL A 21 5.42 0.18 -5.56
C VAL A 21 6.20 1.43 -5.95
N GLY A 22 6.58 2.23 -4.99
CA GLY A 22 7.35 3.46 -5.30
C GLY A 22 8.85 3.14 -5.32
N ALA A 23 9.25 2.13 -4.59
CA ALA A 23 10.69 1.77 -4.57
C ALA A 23 11.11 1.14 -5.91
N ALA A 24 10.16 0.61 -6.63
CA ALA A 24 10.49 -0.03 -7.94
C ALA A 24 10.31 0.98 -9.08
N ALA A 25 9.48 1.98 -8.88
CA ALA A 25 9.26 2.99 -9.95
C ALA A 25 10.44 3.95 -10.02
N VAL A 26 11.32 3.91 -9.05
CA VAL A 26 12.50 4.83 -9.07
C VAL A 26 13.72 4.11 -9.63
N THR A 27 13.59 2.86 -9.96
CA THR A 27 14.75 2.10 -10.51
C THR A 27 14.56 1.86 -12.01
N ALA A 28 13.34 1.73 -12.45
CA ALA A 28 13.09 1.50 -13.91
C ALA A 28 12.89 2.83 -14.62
N ALA A 29 13.65 3.83 -14.28
CA ALA A 29 13.50 5.16 -14.94
C ALA A 29 14.30 5.20 -16.24
N ASN A 30 13.67 4.91 -17.35
CA ASN A 30 14.40 4.93 -18.64
C ASN A 30 13.71 5.88 -19.63
N PRO A 1 -16.96 12.87 15.91
CA PRO A 1 -17.39 11.55 16.45
C PRO A 1 -16.78 10.42 15.62
N ALA A 2 -17.24 9.21 15.82
CA ALA A 2 -16.68 8.07 15.04
C ALA A 2 -17.83 7.17 14.54
N ILE A 3 -18.60 7.65 13.61
CA ILE A 3 -19.72 6.82 13.07
C ILE A 3 -19.18 5.51 12.49
N TYR A 4 -18.90 5.47 11.21
CA TYR A 4 -18.36 4.22 10.61
C TYR A 4 -16.89 4.42 10.26
N ILE A 5 -16.27 5.32 10.92
CA ILE A 5 -14.83 5.60 10.68
C ILE A 5 -13.96 4.75 11.61
N GLY A 6 -14.48 3.65 12.02
CA GLY A 6 -13.72 2.74 12.93
C GLY A 6 -13.58 1.36 12.29
N ALA A 7 -14.31 1.11 11.24
CA ALA A 7 -14.22 -0.22 10.57
C ALA A 7 -13.19 -0.17 9.44
N THR A 8 -12.22 0.70 9.54
CA THR A 8 -11.19 0.79 8.46
C THR A 8 -10.72 -0.61 8.07
N VAL A 9 -10.32 -0.80 6.84
CA VAL A 9 -9.85 -2.14 6.41
C VAL A 9 -8.38 -2.35 6.80
N GLY A 10 -7.49 -1.60 6.21
CA GLY A 10 -6.05 -1.75 6.54
C GLY A 10 -5.30 -0.48 6.17
N PRO A 11 -5.17 0.40 7.13
CA PRO A 11 -4.46 1.69 6.91
C PRO A 11 -2.95 1.43 6.81
N SER A 12 -2.37 0.80 7.79
CA SER A 12 -0.91 0.54 7.75
C SER A 12 -0.57 -0.29 6.51
N VAL A 13 -1.14 -1.45 6.37
CA VAL A 13 -0.85 -2.29 5.17
C VAL A 13 -0.94 -1.45 3.90
N TRP A 14 -1.92 -0.60 3.81
CA TRP A 14 -2.06 0.25 2.59
C TRP A 14 -0.79 1.06 2.36
N ALA A 15 -0.34 1.79 3.35
CA ALA A 15 0.90 2.60 3.19
C ALA A 15 2.10 1.69 2.90
N TYR A 16 2.00 0.43 3.28
CA TYR A 16 3.14 -0.51 3.02
C TYR A 16 3.18 -0.90 1.54
N LEU A 17 2.04 -1.04 0.93
CA LEU A 17 2.02 -1.42 -0.53
C LEU A 17 2.25 -0.17 -1.39
N VAL A 18 1.86 0.97 -0.90
CA VAL A 18 2.05 2.23 -1.69
C VAL A 18 3.52 2.64 -1.66
N ALA A 19 4.21 2.37 -0.58
CA ALA A 19 5.64 2.74 -0.49
C ALA A 19 6.50 1.67 -1.17
N LEU A 20 6.08 0.44 -1.13
CA LEU A 20 6.87 -0.65 -1.77
C LEU A 20 6.84 -0.49 -3.29
N VAL A 21 5.71 -0.13 -3.84
CA VAL A 21 5.60 0.04 -5.31
C VAL A 21 6.50 1.20 -5.78
N GLY A 22 6.40 2.32 -5.13
CA GLY A 22 7.25 3.48 -5.54
C GLY A 22 8.70 3.03 -5.69
N ALA A 23 9.17 2.19 -4.81
CA ALA A 23 10.57 1.71 -4.90
C ALA A 23 10.86 1.21 -6.32
N ALA A 24 9.98 0.41 -6.87
CA ALA A 24 10.20 -0.12 -8.23
C ALA A 24 10.17 1.02 -9.25
N ALA A 25 9.27 1.95 -9.10
CA ALA A 25 9.19 3.08 -10.07
C ALA A 25 10.40 3.99 -9.92
N VAL A 26 11.21 3.76 -8.92
CA VAL A 26 12.42 4.61 -8.73
C VAL A 26 13.66 3.94 -9.34
N THR A 27 13.48 2.78 -9.92
CA THR A 27 14.63 2.07 -10.54
C THR A 27 14.57 2.19 -12.07
N ALA A 28 13.40 2.35 -12.61
CA ALA A 28 13.27 2.47 -14.09
C ALA A 28 13.87 3.80 -14.57
N ALA A 29 13.84 4.81 -13.74
CA ALA A 29 14.41 6.13 -14.16
C ALA A 29 15.92 6.15 -13.92
N ASN A 30 16.57 7.23 -14.27
CA ASN A 30 18.04 7.31 -14.07
C ASN A 30 18.36 8.31 -12.96
N PRO A 1 -5.30 -12.23 16.13
CA PRO A 1 -6.42 -11.33 16.52
C PRO A 1 -7.33 -11.05 15.31
N ALA A 2 -8.33 -10.24 15.49
CA ALA A 2 -9.25 -9.92 14.36
C ALA A 2 -9.97 -8.60 14.60
N ILE A 3 -9.26 -7.61 15.08
CA ILE A 3 -9.91 -6.30 15.35
C ILE A 3 -9.78 -5.37 14.13
N TYR A 4 -8.58 -5.01 13.77
CA TYR A 4 -8.41 -4.12 12.59
C TYR A 4 -7.34 -4.68 11.66
N ILE A 5 -7.14 -5.95 11.74
CA ILE A 5 -6.14 -6.63 10.86
C ILE A 5 -6.83 -7.51 9.84
N GLY A 6 -8.04 -7.19 9.52
CA GLY A 6 -8.81 -7.99 8.53
C GLY A 6 -10.28 -7.60 8.60
N ALA A 7 -10.56 -6.34 8.82
CA ALA A 7 -11.98 -5.90 8.90
C ALA A 7 -12.07 -4.38 8.70
N THR A 8 -11.09 -3.80 8.06
CA THR A 8 -11.11 -2.33 7.83
C THR A 8 -10.60 -2.00 6.42
N VAL A 9 -10.49 -0.74 6.11
CA VAL A 9 -9.99 -0.36 4.76
C VAL A 9 -8.54 -0.79 4.59
N GLY A 10 -7.82 -0.92 5.66
CA GLY A 10 -6.39 -1.34 5.56
C GLY A 10 -5.51 -0.10 5.37
N PRO A 11 -5.47 0.73 6.38
CA PRO A 11 -4.66 1.96 6.32
C PRO A 11 -3.17 1.63 6.47
N SER A 12 -2.84 0.73 7.35
CA SER A 12 -1.40 0.36 7.54
C SER A 12 -0.90 -0.42 6.32
N VAL A 13 -1.51 -1.53 6.02
CA VAL A 13 -1.08 -2.33 4.84
C VAL A 13 -1.04 -1.45 3.59
N TRP A 14 -1.88 -0.46 3.53
CA TRP A 14 -1.90 0.43 2.33
C TRP A 14 -0.57 1.20 2.24
N ALA A 15 -0.04 1.62 3.36
CA ALA A 15 1.24 2.37 3.34
C ALA A 15 2.40 1.44 2.95
N TYR A 16 2.28 0.17 3.27
CA TYR A 16 3.36 -0.79 2.93
C TYR A 16 3.36 -1.07 1.43
N LEU A 17 2.20 -1.09 0.81
CA LEU A 17 2.14 -1.36 -0.66
C LEU A 17 2.54 -0.10 -1.42
N VAL A 18 2.28 1.05 -0.87
CA VAL A 18 2.64 2.32 -1.57
C VAL A 18 4.16 2.55 -1.47
N ALA A 19 4.72 2.31 -0.32
CA ALA A 19 6.19 2.52 -0.15
C ALA A 19 6.95 1.52 -1.04
N LEU A 20 6.61 0.26 -0.95
CA LEU A 20 7.31 -0.75 -1.79
C LEU A 20 7.13 -0.42 -3.27
N VAL A 21 5.92 -0.28 -3.72
CA VAL A 21 5.67 0.05 -5.15
C VAL A 21 6.26 1.42 -5.48
N GLY A 22 6.51 2.23 -4.48
CA GLY A 22 7.08 3.58 -4.74
C GLY A 22 8.60 3.47 -4.91
N ALA A 23 9.21 2.51 -4.27
CA ALA A 23 10.69 2.35 -4.41
C ALA A 23 11.03 1.71 -5.76
N ALA A 24 10.17 0.85 -6.25
CA ALA A 24 10.44 0.19 -7.56
C ALA A 24 9.96 1.09 -8.71
N ALA A 25 9.18 2.09 -8.40
CA ALA A 25 8.68 2.99 -9.47
C ALA A 25 9.81 3.91 -9.96
N VAL A 26 10.95 3.83 -9.36
CA VAL A 26 12.08 4.70 -9.79
C VAL A 26 13.14 3.86 -10.52
N THR A 27 12.99 2.57 -10.52
CA THR A 27 13.98 1.69 -11.21
C THR A 27 13.33 1.01 -12.41
N ALA A 28 12.02 0.91 -12.42
CA ALA A 28 11.33 0.26 -13.56
C ALA A 28 11.10 1.26 -14.70
N ALA A 29 11.30 2.52 -14.43
CA ALA A 29 11.09 3.54 -15.50
C ALA A 29 12.44 3.96 -16.10
N ASN A 30 13.50 3.84 -15.35
CA ASN A 30 14.84 4.23 -15.88
C ASN A 30 14.74 5.58 -16.61
N PRO A 1 1.23 -10.58 20.42
CA PRO A 1 1.38 -11.61 19.34
C PRO A 1 0.75 -11.10 18.03
N ALA A 2 1.31 -11.47 16.91
CA ALA A 2 0.74 -11.01 15.61
C ALA A 2 0.71 -12.17 14.61
N ILE A 3 0.28 -13.32 15.04
CA ILE A 3 0.22 -14.50 14.12
C ILE A 3 -0.83 -14.27 13.04
N TYR A 4 -1.95 -13.69 13.39
CA TYR A 4 -3.02 -13.45 12.39
C TYR A 4 -3.17 -11.96 12.13
N ILE A 5 -2.16 -11.23 12.44
CA ILE A 5 -2.20 -9.75 12.23
C ILE A 5 -1.40 -9.36 11.00
N GLY A 6 -1.29 -10.25 10.07
CA GLY A 6 -0.52 -9.97 8.83
C GLY A 6 -1.41 -10.20 7.60
N ALA A 7 -2.70 -10.14 7.78
CA ALA A 7 -3.62 -10.36 6.63
C ALA A 7 -4.67 -9.25 6.59
N THR A 8 -4.33 -8.08 7.07
CA THR A 8 -5.32 -6.96 7.06
C THR A 8 -5.07 -6.03 5.87
N VAL A 9 -5.97 -5.12 5.62
CA VAL A 9 -5.78 -4.18 4.48
C VAL A 9 -6.19 -2.76 4.89
N GLY A 10 -6.09 -2.46 6.16
CA GLY A 10 -6.47 -1.10 6.63
C GLY A 10 -5.53 -0.05 6.04
N PRO A 11 -5.23 0.93 6.82
CA PRO A 11 -4.32 2.02 6.36
C PRO A 11 -2.87 1.53 6.34
N SER A 12 -2.40 0.99 7.42
CA SER A 12 -1.00 0.49 7.47
C SER A 12 -0.70 -0.37 6.22
N VAL A 13 -1.61 -1.23 5.86
CA VAL A 13 -1.38 -2.09 4.66
C VAL A 13 -1.27 -1.22 3.41
N TRP A 14 -2.04 -0.19 3.32
CA TRP A 14 -1.97 0.70 2.11
C TRP A 14 -0.60 1.39 2.04
N ALA A 15 -0.10 1.85 3.15
CA ALA A 15 1.23 2.53 3.14
C ALA A 15 2.33 1.52 2.82
N TYR A 16 2.12 0.28 3.13
CA TYR A 16 3.16 -0.76 2.85
C TYR A 16 3.17 -1.10 1.36
N LEU A 17 2.03 -1.02 0.71
CA LEU A 17 1.98 -1.34 -0.74
C LEU A 17 2.47 -0.13 -1.55
N VAL A 18 2.28 1.06 -1.04
CA VAL A 18 2.74 2.27 -1.77
C VAL A 18 4.24 2.45 -1.60
N ALA A 19 4.74 2.19 -0.42
CA ALA A 19 6.20 2.35 -0.17
C ALA A 19 6.97 1.25 -0.93
N LEU A 20 6.58 0.02 -0.78
CA LEU A 20 7.29 -1.08 -1.49
C LEU A 20 7.24 -0.85 -3.00
N VAL A 21 6.08 -0.61 -3.54
CA VAL A 21 5.96 -0.38 -5.01
C VAL A 21 6.52 0.99 -5.37
N GLY A 22 6.66 1.86 -4.40
CA GLY A 22 7.20 3.22 -4.70
C GLY A 22 8.72 3.15 -4.86
N ALA A 23 9.34 2.17 -4.27
CA ALA A 23 10.83 2.05 -4.39
C ALA A 23 11.18 1.47 -5.77
N ALA A 24 10.43 0.52 -6.24
CA ALA A 24 10.73 -0.08 -7.58
C ALA A 24 10.22 0.84 -8.69
N ALA A 25 9.20 1.59 -8.43
CA ALA A 25 8.66 2.50 -9.49
C ALA A 25 9.63 3.65 -9.73
N VAL A 26 10.60 3.83 -8.87
CA VAL A 26 11.60 4.92 -9.06
C VAL A 26 12.61 4.52 -10.12
N THR A 27 12.69 3.26 -10.46
CA THR A 27 13.67 2.82 -11.49
C THR A 27 12.95 2.43 -12.78
N ALA A 28 11.89 1.67 -12.68
CA ALA A 28 11.14 1.27 -13.90
C ALA A 28 10.10 2.33 -14.24
N ALA A 29 10.52 3.48 -14.69
CA ALA A 29 9.54 4.55 -15.05
C ALA A 29 9.45 4.68 -16.57
N ASN A 30 9.86 3.68 -17.30
CA ASN A 30 9.79 3.75 -18.78
C ASN A 30 9.00 2.56 -19.33
N PRO A 1 -25.66 2.30 3.91
CA PRO A 1 -25.10 1.96 2.57
C PRO A 1 -24.33 0.64 2.63
N ALA A 2 -24.33 -0.11 1.56
CA ALA A 2 -23.59 -1.41 1.57
C ALA A 2 -22.51 -1.41 0.48
N ILE A 3 -21.76 -0.34 0.39
CA ILE A 3 -20.68 -0.28 -0.65
C ILE A 3 -19.38 -0.83 -0.09
N TYR A 4 -18.66 -0.05 0.67
CA TYR A 4 -17.37 -0.55 1.25
C TYR A 4 -17.31 -0.23 2.73
N ILE A 5 -18.44 -0.09 3.32
CA ILE A 5 -18.50 0.22 4.78
C ILE A 5 -18.59 -1.06 5.60
N GLY A 6 -18.06 -2.12 5.06
CA GLY A 6 -18.08 -3.42 5.77
C GLY A 6 -16.73 -4.12 5.62
N ALA A 7 -15.74 -3.42 5.15
CA ALA A 7 -14.40 -4.04 4.98
C ALA A 7 -13.29 -3.01 5.19
N THR A 8 -13.55 -2.00 5.97
CA THR A 8 -12.52 -0.95 6.22
C THR A 8 -11.75 -0.63 4.94
N VAL A 9 -10.59 -0.05 5.06
CA VAL A 9 -9.79 0.29 3.84
C VAL A 9 -8.37 -0.27 3.97
N GLY A 10 -7.85 -0.31 5.17
CA GLY A 10 -6.47 -0.83 5.36
C GLY A 10 -5.46 0.33 5.24
N PRO A 11 -5.31 1.04 6.32
CA PRO A 11 -4.38 2.19 6.35
C PRO A 11 -2.93 1.71 6.40
N SER A 12 -2.56 0.97 7.41
CA SER A 12 -1.16 0.48 7.50
C SER A 12 -0.81 -0.38 6.28
N VAL A 13 -1.68 -1.29 5.92
CA VAL A 13 -1.39 -2.16 4.74
C VAL A 13 -1.18 -1.29 3.50
N TRP A 14 -1.96 -0.26 3.34
CA TRP A 14 -1.81 0.61 2.14
C TRP A 14 -0.45 1.31 2.18
N ALA A 15 -0.04 1.79 3.31
CA ALA A 15 1.28 2.47 3.40
C ALA A 15 2.40 1.51 3.05
N TYR A 16 2.22 0.24 3.31
CA TYR A 16 3.28 -0.75 2.99
C TYR A 16 3.33 -1.01 1.48
N LEU A 17 2.23 -1.42 0.91
CA LEU A 17 2.21 -1.68 -0.56
C LEU A 17 2.61 -0.40 -1.33
N VAL A 18 2.46 0.73 -0.71
CA VAL A 18 2.83 2.00 -1.41
C VAL A 18 4.34 2.26 -1.27
N ALA A 19 4.88 2.05 -0.10
CA ALA A 19 6.34 2.27 0.10
C ALA A 19 7.16 1.30 -0.76
N LEU A 20 6.58 0.18 -1.11
CA LEU A 20 7.32 -0.81 -1.94
C LEU A 20 7.14 -0.48 -3.44
N VAL A 21 5.93 -0.52 -3.92
CA VAL A 21 5.69 -0.22 -5.36
C VAL A 21 6.29 1.13 -5.72
N GLY A 22 6.35 2.04 -4.78
CA GLY A 22 6.94 3.38 -5.08
C GLY A 22 8.44 3.25 -5.31
N ALA A 23 9.11 2.50 -4.47
CA ALA A 23 10.59 2.32 -4.64
C ALA A 23 10.89 1.62 -5.96
N ALA A 24 9.98 0.81 -6.43
CA ALA A 24 10.22 0.09 -7.72
C ALA A 24 9.80 0.97 -8.90
N ALA A 25 8.99 1.96 -8.66
CA ALA A 25 8.56 2.85 -9.77
C ALA A 25 9.63 3.89 -10.07
N VAL A 26 10.63 3.99 -9.24
CA VAL A 26 11.71 4.99 -9.47
C VAL A 26 12.98 4.28 -9.96
N THR A 27 12.98 2.99 -9.98
CA THR A 27 14.20 2.25 -10.45
C THR A 27 13.87 1.45 -11.71
N ALA A 28 12.61 1.21 -11.96
CA ALA A 28 12.22 0.43 -13.17
C ALA A 28 12.47 1.26 -14.44
N ALA A 29 12.55 2.55 -14.30
CA ALA A 29 12.80 3.42 -15.49
C ALA A 29 14.28 3.43 -15.84
N ASN A 30 15.11 2.85 -15.01
CA ASN A 30 16.57 2.82 -15.29
C ASN A 30 16.95 1.50 -15.97
#